data_5MJI
#
_entry.id   5MJI
#
_cell.length_a   108.470
_cell.length_b   108.470
_cell.length_c   178.220
_cell.angle_alpha   90.00
_cell.angle_beta   90.00
_cell.angle_gamma   90.00
#
_symmetry.space_group_name_H-M   'I 41 2 2'
#
loop_
_entity.id
_entity.type
_entity.pdbx_description
1 polymer 'BRAMP domain protein'
2 non-polymer '[(2~{S},3~{R},4~{R})-5-[8-methanoyl-7-methyl-2,4-bis(oxidanylidene)-1~{H}-benzo[g]pteridin-10-ium-10-yl]-2,3,4-tris(oxidanyl)pentyl] dihydrogen phosphate'
3 water water
#
_entity_poly.entity_id   1
_entity_poly.type   'polypeptide(L)'
_entity_poly.pdbx_seq_one_letter_code
;MALKALILNTTLRRSPSRSQTQGLIDKAVPLYEKEGIETEVVRVIDHDIEQEYWDDYDDWNAGEKARREDEWPWLLEKIR
EADILVIATPITLNMCTSAAHVILEKLNLMDELNGDTKQFPLYNKVAGLLMCGNEDGAHHVAGTVLNNLGRLGYSVPPNA
AAYWLGPAGTGPGYIEGKGDRHFHTNKLIRFMVANTSHLARMLQETPYTTDLEACAQAAREESDDVFAIRVNVNTPAIRY
KRFQKLGEVKVEESQLG
;
_entity_poly.pdbx_strand_id   A
#
# COMPACT_ATOMS: atom_id res chain seq x y z
N ALA A 2 -17.74 -15.42 2.88
CA ALA A 2 -16.90 -15.63 1.71
C ALA A 2 -15.97 -14.44 1.48
N LEU A 3 -14.67 -14.67 1.62
CA LEU A 3 -13.70 -13.60 1.48
C LEU A 3 -13.15 -13.51 0.07
N LYS A 4 -12.73 -12.31 -0.28
CA LYS A 4 -12.16 -12.01 -1.58
C LYS A 4 -10.75 -11.48 -1.40
N ALA A 5 -9.82 -12.03 -2.15
CA ALA A 5 -8.49 -11.45 -2.31
C ALA A 5 -8.40 -10.77 -3.67
N LEU A 6 -7.85 -9.56 -3.69
CA LEU A 6 -7.59 -8.83 -4.91
C LEU A 6 -6.08 -8.67 -5.05
N ILE A 7 -5.52 -9.22 -6.13
CA ILE A 7 -4.08 -9.15 -6.41
C ILE A 7 -3.86 -8.20 -7.57
N LEU A 8 -3.07 -7.14 -7.33
CA LEU A 8 -2.80 -6.10 -8.32
C LEU A 8 -1.38 -6.29 -8.85
N ASN A 9 -1.26 -6.74 -10.09
CA ASN A 9 0.02 -6.79 -10.79
C ASN A 9 0.31 -5.39 -11.34
N THR A 10 1.34 -4.74 -10.83
CA THR A 10 1.64 -3.35 -11.20
C THR A 10 2.84 -3.26 -12.16
N THR A 11 3.06 -4.31 -12.95
CA THR A 11 4.03 -4.26 -14.04
C THR A 11 3.73 -3.08 -14.98
N LEU A 12 4.78 -2.58 -15.62
CA LEU A 12 4.64 -1.49 -16.59
C LEU A 12 4.25 -1.97 -17.99
N ARG A 13 4.16 -3.28 -18.22
CA ARG A 13 3.94 -3.81 -19.56
C ARG A 13 2.50 -4.35 -19.67
N ARG A 14 1.83 -3.94 -20.74
CA ARG A 14 0.47 -4.39 -21.01
C ARG A 14 0.40 -5.88 -21.30
N SER A 15 -0.71 -6.49 -20.91
CA SER A 15 -1.06 -7.85 -21.34
C SER A 15 -1.14 -7.91 -22.87
N PRO A 16 -0.73 -9.03 -23.48
CA PRO A 16 -0.25 -10.28 -22.86
C PRO A 16 1.27 -10.37 -22.72
N SER A 17 2.00 -9.25 -22.68
CA SER A 17 3.44 -9.33 -22.49
C SER A 17 3.77 -10.11 -21.21
N ARG A 18 4.73 -11.02 -21.31
CA ARG A 18 5.07 -11.86 -20.18
C ARG A 18 5.60 -11.01 -19.03
N SER A 19 5.02 -11.19 -17.85
CA SER A 19 5.44 -10.44 -16.67
C SER A 19 6.22 -11.35 -15.73
N GLN A 20 7.42 -10.93 -15.32
CA GLN A 20 8.15 -11.70 -14.33
C GLN A 20 7.35 -11.83 -13.04
N THR A 21 6.71 -10.75 -12.61
CA THR A 21 5.95 -10.73 -11.36
C THR A 21 4.76 -11.69 -11.41
N GLN A 22 4.14 -11.83 -12.59
CA GLN A 22 2.99 -12.70 -12.75
C GLN A 22 3.31 -14.12 -12.28
N GLY A 23 4.58 -14.55 -12.39
CA GLY A 23 4.94 -15.89 -11.95
C GLY A 23 4.69 -16.12 -10.47
N LEU A 24 4.98 -15.12 -9.64
CA LEU A 24 4.65 -15.25 -8.22
C LEU A 24 3.14 -15.24 -8.01
N ILE A 25 2.43 -14.39 -8.75
CA ILE A 25 0.98 -14.36 -8.68
C ILE A 25 0.42 -15.74 -9.03
N ASP A 26 0.99 -16.40 -10.04
CA ASP A 26 0.48 -17.70 -10.46
C ASP A 26 0.63 -18.74 -9.36
N LYS A 27 1.63 -18.58 -8.48
CA LYS A 27 1.72 -19.48 -7.34
C LYS A 27 0.66 -19.16 -6.30
N ALA A 28 0.42 -17.87 -6.04
CA ALA A 28 -0.43 -17.47 -4.92
C ALA A 28 -1.90 -17.77 -5.20
N VAL A 29 -2.33 -17.61 -6.46
CA VAL A 29 -3.76 -17.72 -6.77
C VAL A 29 -4.34 -19.08 -6.39
N PRO A 30 -3.75 -20.22 -6.80
CA PRO A 30 -4.34 -21.51 -6.38
C PRO A 30 -4.24 -21.76 -4.88
N LEU A 31 -3.23 -21.21 -4.21
CA LEU A 31 -3.15 -21.37 -2.75
C LEU A 31 -4.29 -20.65 -2.05
N TYR A 32 -4.64 -19.45 -2.53
CA TYR A 32 -5.78 -18.76 -1.95
C TYR A 32 -7.09 -19.52 -2.20
N GLU A 33 -7.25 -20.07 -3.41
CA GLU A 33 -8.48 -20.83 -3.70
C GLU A 33 -8.63 -22.02 -2.77
N LYS A 34 -7.54 -22.74 -2.51
CA LYS A 34 -7.63 -23.86 -1.57
C LYS A 34 -7.95 -23.40 -0.15
N GLU A 35 -7.59 -22.16 0.20
CA GLU A 35 -8.06 -21.56 1.44
C GLU A 35 -9.54 -21.24 1.39
N GLY A 36 -10.21 -21.48 0.27
CA GLY A 36 -11.60 -21.09 0.12
C GLY A 36 -11.81 -19.63 -0.12
N ILE A 37 -10.82 -18.92 -0.66
CA ILE A 37 -10.87 -17.47 -0.83
C ILE A 37 -10.97 -17.18 -2.32
N GLU A 38 -11.97 -16.39 -2.69
CA GLU A 38 -12.16 -16.01 -4.09
C GLU A 38 -11.14 -14.94 -4.49
N THR A 39 -10.44 -15.17 -5.59
CA THR A 39 -9.32 -14.31 -5.96
C THR A 39 -9.52 -13.72 -7.34
N GLU A 40 -9.11 -12.47 -7.49
CA GLU A 40 -9.12 -11.77 -8.75
C GLU A 40 -7.78 -11.10 -8.97
N VAL A 41 -7.25 -11.20 -10.18
CA VAL A 41 -6.00 -10.55 -10.57
C VAL A 41 -6.30 -9.44 -11.56
N VAL A 42 -5.86 -8.23 -11.25
CA VAL A 42 -5.95 -7.08 -12.15
C VAL A 42 -4.53 -6.63 -12.47
N ARG A 43 -4.23 -6.52 -13.77
CA ARG A 43 -2.99 -5.87 -14.20
C ARG A 43 -3.33 -4.40 -14.46
N VAL A 44 -2.96 -3.53 -13.51
CA VAL A 44 -3.54 -2.19 -13.46
C VAL A 44 -3.15 -1.39 -14.69
N ILE A 45 -1.97 -1.66 -15.26
CA ILE A 45 -1.52 -0.89 -16.41
C ILE A 45 -2.39 -1.17 -17.64
N ASP A 46 -3.14 -2.28 -17.65
CA ASP A 46 -4.09 -2.51 -18.74
C ASP A 46 -5.28 -1.56 -18.70
N HIS A 47 -5.42 -0.78 -17.63
CA HIS A 47 -6.59 0.04 -17.40
C HIS A 47 -6.21 1.51 -17.40
N ASP A 48 -7.16 2.35 -17.77
CA ASP A 48 -6.94 3.79 -17.92
C ASP A 48 -7.17 4.45 -16.56
N ILE A 49 -6.08 4.74 -15.85
CA ILE A 49 -6.13 5.38 -14.54
C ILE A 49 -5.41 6.72 -14.64
N GLU A 50 -6.13 7.81 -14.44
CA GLU A 50 -5.56 9.14 -14.63
C GLU A 50 -4.63 9.50 -13.46
N GLN A 51 -3.43 9.97 -13.80
CA GLN A 51 -2.40 10.28 -12.81
C GLN A 51 -2.47 11.70 -12.26
N GLU A 52 -2.95 12.65 -13.06
CA GLU A 52 -2.96 14.05 -12.64
C GLU A 52 -3.96 14.29 -11.51
N TYR A 53 -3.67 15.31 -10.73
CA TYR A 53 -4.43 15.62 -9.52
C TYR A 53 -5.21 16.90 -9.71
N TRP A 54 -6.43 16.93 -9.18
CA TRP A 54 -7.17 18.16 -9.08
C TRP A 54 -8.05 18.11 -7.83
N ASP A 55 -8.14 19.25 -7.14
CA ASP A 55 -9.20 19.46 -6.16
C ASP A 55 -9.56 20.94 -6.21
N ASP A 56 -10.45 21.37 -5.32
CA ASP A 56 -10.99 22.72 -5.42
C ASP A 56 -9.96 23.83 -5.20
N TYR A 57 -8.82 23.53 -4.61
CA TYR A 57 -7.81 24.57 -4.49
C TYR A 57 -6.99 24.74 -5.75
N ASP A 58 -7.08 23.80 -6.69
CA ASP A 58 -6.32 23.90 -7.93
C ASP A 58 -7.06 24.80 -8.91
N ASP A 59 -6.41 25.04 -10.05
CA ASP A 59 -7.03 25.79 -11.13
C ASP A 59 -8.04 24.92 -11.88
N TRP A 60 -9.24 25.45 -12.11
CA TRP A 60 -10.31 24.65 -12.70
C TRP A 60 -9.92 24.08 -14.06
N ASN A 61 -9.45 24.93 -14.98
CA ASN A 61 -9.18 24.47 -16.34
C ASN A 61 -7.98 23.52 -16.37
N ALA A 62 -6.94 23.80 -15.59
CA ALA A 62 -5.81 22.88 -15.50
C ALA A 62 -6.27 21.49 -15.07
N GLY A 63 -7.26 21.41 -14.17
CA GLY A 63 -7.71 20.14 -13.65
C GLY A 63 -8.63 19.33 -14.53
N GLU A 64 -8.93 19.80 -15.74
CA GLU A 64 -9.90 19.12 -16.58
C GLU A 64 -9.50 17.68 -16.86
N LYS A 65 -8.25 17.46 -17.25
CA LYS A 65 -7.78 16.11 -17.51
C LYS A 65 -7.82 15.26 -16.25
N ALA A 66 -7.42 15.83 -15.10
CA ALA A 66 -7.46 15.08 -13.85
C ALA A 66 -8.88 14.67 -13.48
N ARG A 67 -9.90 15.45 -13.86
CA ARG A 67 -11.28 15.14 -13.53
C ARG A 67 -11.96 14.21 -14.54
N ARG A 68 -11.27 13.79 -15.60
CA ARG A 68 -11.95 13.09 -16.67
C ARG A 68 -12.42 11.70 -16.22
N GLU A 69 -13.33 11.14 -17.00
CA GLU A 69 -13.81 9.79 -16.75
C GLU A 69 -12.70 8.78 -17.04
N ASP A 70 -12.50 7.84 -16.13
CA ASP A 70 -11.47 6.83 -16.30
C ASP A 70 -11.95 5.56 -15.58
N GLU A 71 -11.04 4.59 -15.41
CA GLU A 71 -11.39 3.33 -14.79
C GLU A 71 -11.09 3.29 -13.30
N TRP A 72 -10.72 4.41 -12.69
CA TRP A 72 -10.41 4.38 -11.27
C TRP A 72 -11.61 4.01 -10.40
N PRO A 73 -12.81 4.56 -10.59
CA PRO A 73 -13.95 4.10 -9.76
C PRO A 73 -14.17 2.59 -9.80
N TRP A 74 -14.03 1.97 -10.97
CA TRP A 74 -14.13 0.53 -11.10
C TRP A 74 -13.08 -0.20 -10.25
N LEU A 75 -11.82 0.25 -10.33
CA LEU A 75 -10.77 -0.38 -9.54
C LEU A 75 -10.95 -0.10 -8.05
N LEU A 76 -11.32 1.12 -7.70
CA LEU A 76 -11.49 1.47 -6.29
C LEU A 76 -12.58 0.63 -5.65
N GLU A 77 -13.64 0.34 -6.40
CA GLU A 77 -14.71 -0.47 -5.82
C GLU A 77 -14.23 -1.90 -5.56
N LYS A 78 -13.40 -2.45 -6.45
CA LYS A 78 -12.82 -3.77 -6.18
C LYS A 78 -11.95 -3.75 -4.93
N ILE A 79 -11.16 -2.70 -4.74
CA ILE A 79 -10.32 -2.58 -3.55
C ILE A 79 -11.20 -2.51 -2.31
N ARG A 80 -12.27 -1.72 -2.36
CA ARG A 80 -13.16 -1.59 -1.23
C ARG A 80 -13.84 -2.91 -0.87
N GLU A 81 -14.11 -3.76 -1.85
CA GLU A 81 -14.81 -5.00 -1.55
C GLU A 81 -13.88 -6.15 -1.20
N ALA A 82 -12.60 -6.05 -1.55
CA ALA A 82 -11.66 -7.13 -1.27
C ALA A 82 -11.26 -7.11 0.20
N ASP A 83 -11.30 -8.28 0.85
CA ASP A 83 -10.87 -8.40 2.24
C ASP A 83 -9.35 -8.47 2.35
N ILE A 84 -8.70 -8.99 1.31
CA ILE A 84 -7.25 -9.08 1.23
C ILE A 84 -6.81 -8.33 -0.01
N LEU A 85 -5.94 -7.35 0.16
CA LEU A 85 -5.29 -6.69 -0.95
C LEU A 85 -3.85 -7.19 -1.03
N VAL A 86 -3.46 -7.71 -2.18
CA VAL A 86 -2.06 -8.07 -2.43
C VAL A 86 -1.55 -7.17 -3.54
N ILE A 87 -0.63 -6.27 -3.21
CA ILE A 87 0.12 -5.56 -4.23
C ILE A 87 1.21 -6.51 -4.72
N ALA A 88 1.21 -6.80 -6.01
CA ALA A 88 2.21 -7.65 -6.64
C ALA A 88 3.01 -6.73 -7.58
N THR A 89 4.16 -6.25 -7.11
CA THR A 89 4.85 -5.20 -7.83
C THR A 89 6.26 -5.63 -8.21
N PRO A 90 6.69 -5.41 -9.45
CA PRO A 90 8.12 -5.40 -9.74
C PRO A 90 8.80 -4.31 -8.93
N ILE A 91 10.13 -4.38 -8.85
CA ILE A 91 10.90 -3.35 -8.18
C ILE A 91 11.51 -2.44 -9.23
N THR A 92 11.37 -1.16 -9.00
CA THR A 92 11.88 -0.16 -9.93
C THR A 92 12.47 0.98 -9.13
N LEU A 93 13.76 1.25 -9.31
CA LEU A 93 14.45 2.33 -8.58
C LEU A 93 14.41 2.12 -7.08
N ASN A 94 14.51 0.87 -6.65
CA ASN A 94 14.43 0.50 -5.24
C ASN A 94 13.08 0.89 -4.65
N MET A 95 12.07 1.03 -5.50
CA MET A 95 10.69 1.35 -5.13
C MET A 95 9.76 0.34 -5.81
N CYS A 96 8.48 0.40 -5.44
CA CYS A 96 7.46 -0.24 -6.27
C CYS A 96 7.48 0.42 -7.64
N THR A 97 6.71 -0.11 -8.58
CA THR A 97 6.67 0.58 -9.86
C THR A 97 5.90 1.90 -9.77
N SER A 98 6.08 2.72 -10.80
CA SER A 98 5.28 3.94 -10.91
C SER A 98 3.80 3.64 -11.03
N ALA A 99 3.42 2.47 -11.58
CA ALA A 99 2.00 2.14 -11.67
C ALA A 99 1.42 1.83 -10.29
N ALA A 100 2.14 1.05 -9.48
CA ALA A 100 1.75 0.88 -8.09
C ALA A 100 1.67 2.23 -7.37
N HIS A 101 2.62 3.11 -7.68
CA HIS A 101 2.70 4.42 -7.05
C HIS A 101 1.46 5.27 -7.34
N VAL A 102 1.00 5.29 -8.60
CA VAL A 102 -0.21 6.03 -8.95
C VAL A 102 -1.42 5.47 -8.19
N ILE A 103 -1.55 4.13 -8.18
CA ILE A 103 -2.68 3.50 -7.51
C ILE A 103 -2.72 3.90 -6.03
N LEU A 104 -1.58 3.77 -5.35
CA LEU A 104 -1.54 4.13 -3.93
C LEU A 104 -1.80 5.62 -3.73
N GLU A 105 -1.31 6.48 -4.62
CA GLU A 105 -1.59 7.90 -4.53
C GLU A 105 -3.10 8.16 -4.56
N LYS A 106 -3.80 7.53 -5.50
CA LYS A 106 -5.22 7.75 -5.61
C LYS A 106 -5.98 7.08 -4.47
N LEU A 107 -5.49 5.93 -4.01
CA LEU A 107 -6.11 5.29 -2.87
C LEU A 107 -6.02 6.17 -1.63
N ASN A 108 -4.94 6.94 -1.50
CA ASN A 108 -4.73 7.80 -0.35
C ASN A 108 -5.55 9.10 -0.42
N LEU A 109 -6.38 9.27 -1.43
CA LEU A 109 -7.26 10.43 -1.54
C LEU A 109 -8.62 10.23 -0.88
N MET A 110 -8.95 9.04 -0.42
CA MET A 110 -10.23 8.81 0.26
C MET A 110 -10.24 9.56 1.58
N ASP A 111 -11.00 10.64 1.66
CA ASP A 111 -11.18 11.35 2.92
C ASP A 111 -12.59 11.08 3.43
N GLU A 112 -12.82 9.83 3.83
CA GLU A 112 -14.10 9.43 4.37
C GLU A 112 -13.88 8.69 5.68
N LEU A 113 -14.97 8.53 6.41
CA LEU A 113 -14.99 7.80 7.66
C LEU A 113 -16.25 6.95 7.64
N ASN A 114 -16.10 5.67 7.96
CA ASN A 114 -17.25 4.79 7.99
C ASN A 114 -18.27 5.27 9.01
N GLY A 115 -19.51 5.46 8.54
CA GLY A 115 -20.72 5.43 9.33
C GLY A 115 -20.70 5.90 10.76
N ASP A 116 -20.98 5.10 11.81
CA ASP A 116 -21.23 3.64 11.98
C ASP A 116 -20.09 3.10 12.84
N THR A 117 -18.90 2.91 12.24
CA THR A 117 -17.75 2.46 13.02
C THR A 117 -16.79 3.58 13.37
N LYS A 118 -16.85 4.70 12.65
CA LYS A 118 -15.91 5.81 12.83
C LYS A 118 -14.48 5.35 12.56
N GLN A 119 -14.31 4.53 11.51
CA GLN A 119 -13.00 4.04 11.10
C GLN A 119 -12.74 4.45 9.66
N PHE A 120 -11.47 4.52 9.29
CA PHE A 120 -11.11 4.73 7.89
C PHE A 120 -11.72 3.62 7.05
N PRO A 121 -12.11 3.91 5.79
CA PRO A 121 -12.91 2.94 5.03
C PRO A 121 -12.23 1.61 4.74
N LEU A 122 -10.90 1.53 4.79
CA LEU A 122 -10.24 0.25 4.51
C LEU A 122 -9.87 -0.50 5.79
N TYR A 123 -10.42 -0.08 6.93
CA TYR A 123 -10.23 -0.80 8.17
C TYR A 123 -10.72 -2.23 8.06
N ASN A 124 -10.08 -3.11 8.84
CA ASN A 124 -10.40 -4.53 8.96
C ASN A 124 -10.01 -5.34 7.73
N LYS A 125 -9.31 -4.74 6.77
CA LYS A 125 -8.77 -5.52 5.66
C LYS A 125 -7.33 -5.94 5.97
N VAL A 126 -6.78 -6.80 5.11
CA VAL A 126 -5.48 -7.42 5.30
C VAL A 126 -4.66 -7.20 4.04
N ALA A 127 -3.38 -6.88 4.21
CA ALA A 127 -2.49 -6.68 3.08
C ALA A 127 -1.37 -7.71 3.08
N GLY A 128 -0.99 -8.14 1.88
CA GLY A 128 0.25 -8.84 1.66
C GLY A 128 0.93 -8.24 0.44
N LEU A 129 2.13 -8.73 0.14
CA LEU A 129 2.92 -8.22 -0.97
C LEU A 129 3.58 -9.36 -1.72
N LEU A 130 3.60 -9.24 -3.04
CA LEU A 130 4.44 -10.06 -3.89
C LEU A 130 5.36 -9.10 -4.62
N MET A 131 6.66 -9.38 -4.60
CA MET A 131 7.62 -8.47 -5.22
C MET A 131 8.59 -9.26 -6.08
N CYS A 132 9.02 -8.65 -7.18
CA CYS A 132 9.98 -9.29 -8.05
C CYS A 132 11.01 -8.25 -8.47
N GLY A 133 12.29 -8.56 -8.26
CA GLY A 133 13.37 -7.69 -8.71
C GLY A 133 14.48 -8.52 -9.30
N ASN A 134 15.37 -7.87 -10.05
CA ASN A 134 16.50 -8.62 -10.59
C ASN A 134 17.57 -8.88 -9.53
N GLU A 135 17.65 -8.06 -8.48
CA GLU A 135 18.75 -8.23 -7.52
C GLU A 135 18.47 -7.71 -6.12
N ASP A 136 17.70 -6.64 -5.98
CA ASP A 136 17.73 -5.93 -4.71
C ASP A 136 16.53 -5.02 -4.53
N GLY A 137 16.02 -4.94 -3.30
CA GLY A 137 15.05 -3.91 -2.97
C GLY A 137 13.77 -4.40 -2.29
N ALA A 138 13.60 -5.72 -2.15
CA ALA A 138 12.32 -6.25 -1.69
C ALA A 138 11.96 -5.74 -0.30
N HIS A 139 12.88 -5.83 0.66
CA HIS A 139 12.55 -5.43 2.02
C HIS A 139 12.30 -3.93 2.10
N HIS A 140 13.06 -3.14 1.35
CA HIS A 140 12.82 -1.69 1.33
C HIS A 140 11.43 -1.37 0.79
N VAL A 141 11.04 -2.02 -0.31
CA VAL A 141 9.71 -1.81 -0.86
C VAL A 141 8.64 -2.32 0.09
N ALA A 142 8.87 -3.47 0.73
CA ALA A 142 7.91 -3.99 1.70
C ALA A 142 7.66 -2.98 2.81
N GLY A 143 8.74 -2.42 3.38
CA GLY A 143 8.57 -1.42 4.44
C GLY A 143 7.73 -0.24 3.99
N THR A 144 8.04 0.30 2.81
CA THR A 144 7.38 1.51 2.35
C THR A 144 5.92 1.25 2.03
N VAL A 145 5.63 0.20 1.26
CA VAL A 145 4.25 -0.07 0.84
C VAL A 145 3.41 -0.49 2.02
N LEU A 146 3.90 -1.43 2.84
CA LEU A 146 3.09 -1.93 3.95
C LEU A 146 2.88 -0.87 5.01
N ASN A 147 3.87 0.00 5.25
CA ASN A 147 3.64 1.12 6.15
C ASN A 147 2.50 2.00 5.65
N ASN A 148 2.53 2.34 4.35
CA ASN A 148 1.47 3.16 3.79
C ASN A 148 0.10 2.47 3.84
N LEU A 149 0.05 1.17 3.54
CA LEU A 149 -1.24 0.48 3.62
C LEU A 149 -1.73 0.38 5.07
N GLY A 150 -0.81 0.25 6.02
CA GLY A 150 -1.20 0.27 7.42
C GLY A 150 -1.85 1.59 7.84
N ARG A 151 -1.39 2.71 7.28
CA ARG A 151 -2.01 4.00 7.59
C ARG A 151 -3.44 4.07 7.06
N LEU A 152 -3.75 3.32 6.01
CA LEU A 152 -5.07 3.32 5.41
C LEU A 152 -6.06 2.44 6.14
N GLY A 153 -5.59 1.55 7.02
CA GLY A 153 -6.48 0.64 7.72
C GLY A 153 -6.17 -0.84 7.53
N TYR A 154 -5.23 -1.20 6.66
CA TYR A 154 -4.88 -2.61 6.51
C TYR A 154 -4.10 -3.10 7.72
N SER A 155 -4.37 -4.35 8.12
CA SER A 155 -3.53 -5.10 9.04
C SER A 155 -2.56 -5.98 8.26
N VAL A 156 -1.41 -6.24 8.86
CA VAL A 156 -0.36 -6.99 8.20
C VAL A 156 0.01 -8.18 9.09
N PRO A 157 -0.17 -9.41 8.64
CA PRO A 157 0.28 -10.56 9.42
C PRO A 157 1.79 -10.72 9.32
N PRO A 158 2.39 -11.58 10.12
CA PRO A 158 3.81 -11.91 9.93
C PRO A 158 4.05 -12.57 8.57
N ASN A 159 5.28 -12.38 8.07
CA ASN A 159 5.75 -13.02 6.84
C ASN A 159 4.78 -12.77 5.69
N ALA A 160 4.35 -11.51 5.58
CA ALA A 160 3.36 -11.10 4.59
C ALA A 160 3.97 -10.65 3.28
N ALA A 161 5.29 -10.50 3.18
CA ALA A 161 5.93 -10.04 1.96
C ALA A 161 6.73 -11.20 1.38
N ALA A 162 6.32 -11.69 0.22
CA ALA A 162 7.01 -12.76 -0.48
C ALA A 162 7.61 -12.19 -1.76
N TYR A 163 8.77 -12.69 -2.17
CA TYR A 163 9.48 -12.00 -3.23
C TYR A 163 10.51 -12.93 -3.86
N TRP A 164 10.97 -12.55 -5.05
CA TRP A 164 12.09 -13.18 -5.73
C TRP A 164 13.11 -12.11 -6.08
N LEU A 165 14.38 -12.42 -5.89
CA LEU A 165 15.50 -11.60 -6.33
C LEU A 165 16.62 -12.51 -6.79
N GLY A 166 17.36 -12.09 -7.81
CA GLY A 166 18.62 -12.72 -8.15
C GLY A 166 19.76 -12.14 -7.32
N PRO A 167 21.01 -12.51 -7.62
CA PRO A 167 22.15 -11.92 -6.92
C PRO A 167 22.51 -10.56 -7.49
N ALA A 168 23.47 -9.89 -6.85
CA ALA A 168 23.94 -8.58 -7.31
C ALA A 168 24.27 -8.65 -8.79
N GLY A 169 23.67 -7.76 -9.57
CA GLY A 169 23.81 -7.84 -11.00
C GLY A 169 22.63 -7.18 -11.70
N THR A 170 22.59 -7.40 -13.01
CA THR A 170 21.62 -6.74 -13.88
C THR A 170 20.41 -7.62 -14.17
N GLY A 171 20.44 -8.88 -13.79
CA GLY A 171 19.43 -9.84 -14.16
C GLY A 171 20.07 -11.18 -14.47
N PRO A 172 19.32 -12.11 -15.05
CA PRO A 172 17.96 -11.94 -15.55
C PRO A 172 16.92 -12.05 -14.46
N GLY A 173 15.64 -11.97 -14.83
CA GLY A 173 14.57 -12.01 -13.87
C GLY A 173 14.09 -13.42 -13.53
N TYR A 174 12.93 -13.45 -12.89
CA TYR A 174 12.28 -14.64 -12.37
C TYR A 174 12.15 -15.76 -13.41
N ILE A 175 11.84 -15.42 -14.67
CA ILE A 175 11.56 -16.45 -15.66
C ILE A 175 12.85 -17.16 -16.07
N GLU A 176 13.81 -16.42 -16.63
CA GLU A 176 15.09 -17.05 -16.98
C GLU A 176 15.85 -17.55 -15.77
N GLY A 177 15.68 -16.90 -14.61
CA GLY A 177 16.32 -17.35 -13.38
C GLY A 177 15.65 -18.52 -12.70
N LYS A 178 14.59 -19.07 -13.30
CA LYS A 178 13.88 -20.25 -12.78
C LYS A 178 13.29 -19.99 -11.40
N GLY A 179 12.74 -18.78 -11.23
CA GLY A 179 12.14 -18.43 -9.95
C GLY A 179 10.98 -19.32 -9.53
N ASP A 180 10.30 -19.94 -10.51
CA ASP A 180 9.17 -20.80 -10.16
C ASP A 180 9.60 -22.05 -9.40
N ARG A 181 10.87 -22.42 -9.48
CA ARG A 181 11.41 -23.51 -8.69
C ARG A 181 12.36 -23.00 -7.59
N HIS A 182 12.24 -21.73 -7.21
CA HIS A 182 13.13 -21.16 -6.21
C HIS A 182 12.53 -21.41 -4.83
N PHE A 183 13.24 -22.20 -4.02
CA PHE A 183 12.66 -22.71 -2.79
C PHE A 183 12.23 -21.59 -1.85
N HIS A 184 13.11 -20.60 -1.66
CA HIS A 184 12.84 -19.55 -0.69
C HIS A 184 11.60 -18.76 -1.07
N THR A 185 11.50 -18.37 -2.35
CA THR A 185 10.32 -17.64 -2.80
C THR A 185 9.07 -18.47 -2.62
N ASN A 186 9.13 -19.75 -3.02
CA ASN A 186 7.96 -20.60 -2.92
C ASN A 186 7.53 -20.77 -1.47
N LYS A 187 8.46 -20.86 -0.53
CA LYS A 187 7.97 -21.02 0.83
C LYS A 187 7.42 -19.71 1.36
N LEU A 188 8.00 -18.57 0.96
CA LEU A 188 7.48 -17.30 1.45
C LEU A 188 6.06 -17.05 0.96
N ILE A 189 5.79 -17.42 -0.29
CA ILE A 189 4.44 -17.26 -0.84
C ILE A 189 3.45 -18.08 -0.03
N ARG A 190 3.83 -19.32 0.31
CA ARG A 190 2.95 -20.15 1.12
C ARG A 190 2.73 -19.54 2.50
N PHE A 191 3.80 -19.03 3.12
CA PHE A 191 3.62 -18.31 4.40
C PHE A 191 2.62 -17.17 4.26
N MET A 192 2.81 -16.33 3.24
CA MET A 192 1.95 -15.15 3.05
CA MET A 192 1.96 -15.16 3.04
C MET A 192 0.49 -15.56 2.88
N VAL A 193 0.22 -16.54 2.03
CA VAL A 193 -1.17 -16.91 1.76
C VAL A 193 -1.83 -17.42 3.04
N ALA A 194 -1.13 -18.31 3.76
CA ALA A 194 -1.71 -18.88 4.96
C ALA A 194 -1.97 -17.81 6.02
N ASN A 195 -1.01 -16.87 6.18
CA ASN A 195 -1.16 -15.88 7.25
C ASN A 195 -2.17 -14.80 6.89
N THR A 196 -2.18 -14.33 5.63
CA THR A 196 -3.16 -13.32 5.26
C THR A 196 -4.56 -13.89 5.30
N SER A 197 -4.72 -15.16 4.88
CA SER A 197 -6.03 -15.81 4.91
C SER A 197 -6.55 -15.92 6.33
N HIS A 198 -5.72 -16.38 7.25
CA HIS A 198 -6.14 -16.48 8.65
C HIS A 198 -6.51 -15.12 9.21
N LEU A 199 -5.68 -14.10 8.98
CA LEU A 199 -5.95 -12.80 9.59
C LEU A 199 -7.23 -12.20 9.02
N ALA A 200 -7.47 -12.39 7.72
CA ALA A 200 -8.69 -11.88 7.12
C ALA A 200 -9.94 -12.56 7.69
N ARG A 201 -9.89 -13.88 7.86
CA ARG A 201 -11.02 -14.58 8.51
C ARG A 201 -11.24 -14.06 9.92
N MET A 202 -10.15 -13.90 10.68
CA MET A 202 -10.25 -13.34 12.03
C MET A 202 -10.94 -11.99 12.04
N LEU A 203 -10.47 -11.06 11.21
CA LEU A 203 -10.98 -9.69 11.27
C LEU A 203 -12.40 -9.60 10.72
N GLN A 204 -12.78 -10.53 9.85
CA GLN A 204 -14.17 -10.57 9.42
C GLN A 204 -15.08 -10.98 10.57
N GLU A 205 -14.60 -11.89 11.44
CA GLU A 205 -15.42 -12.28 12.58
C GLU A 205 -15.31 -11.27 13.72
N THR A 206 -14.12 -10.75 13.99
CA THR A 206 -13.86 -9.87 15.12
C THR A 206 -13.16 -8.59 14.66
N PRO A 207 -13.88 -7.68 14.02
CA PRO A 207 -13.25 -6.45 13.52
C PRO A 207 -12.81 -5.54 14.65
N TYR A 208 -11.91 -4.61 14.33
CA TYR A 208 -11.56 -3.56 15.26
C TYR A 208 -12.83 -2.84 15.68
N THR A 209 -12.95 -2.56 16.97
CA THR A 209 -14.05 -1.76 17.49
C THR A 209 -13.62 -0.32 17.73
N THR A 210 -12.36 -0.01 17.48
CA THR A 210 -11.81 1.32 17.71
C THR A 210 -12.70 2.40 17.09
N ASP A 211 -12.97 3.44 17.86
CA ASP A 211 -13.73 4.61 17.42
C ASP A 211 -12.73 5.75 17.26
N LEU A 212 -12.31 6.01 16.00
CA LEU A 212 -11.26 6.98 15.76
C LEU A 212 -11.71 8.39 16.09
N GLU A 213 -13.00 8.68 15.94
CA GLU A 213 -13.52 9.98 16.34
C GLU A 213 -13.42 10.16 17.84
N ALA A 214 -13.80 9.11 18.60
CA ALA A 214 -13.63 9.15 20.04
C ALA A 214 -12.16 9.35 20.41
N CYS A 215 -11.24 8.63 19.75
CA CYS A 215 -9.82 8.85 20.02
C CYS A 215 -9.43 10.30 19.75
N ALA A 216 -9.92 10.86 18.63
CA ALA A 216 -9.53 12.22 18.28
C ALA A 216 -10.12 13.26 19.24
N GLN A 217 -11.35 13.03 19.72
CA GLN A 217 -11.94 13.98 20.66
C GLN A 217 -11.16 14.01 21.97
N ALA A 218 -10.75 12.83 22.47
CA ALA A 218 -9.90 12.79 23.65
C ALA A 218 -8.57 13.47 23.39
N ALA A 219 -8.00 13.28 22.19
CA ALA A 219 -6.75 13.95 21.87
C ALA A 219 -6.94 15.46 21.82
N ARG A 220 -8.08 15.93 21.31
CA ARG A 220 -8.32 17.37 21.28
C ARG A 220 -8.35 17.96 22.68
N GLU A 221 -8.97 17.26 23.64
CA GLU A 221 -9.08 17.80 24.99
C GLU A 221 -7.73 17.96 25.66
N GLU A 222 -6.71 17.21 25.24
CA GLU A 222 -5.40 17.24 25.91
C GLU A 222 -4.35 17.94 25.06
N SER A 223 -4.75 18.67 24.02
CA SER A 223 -3.82 19.25 23.06
C SER A 223 -4.14 20.71 22.77
N ASP A 224 -3.18 21.40 22.17
CA ASP A 224 -3.33 22.74 21.62
C ASP A 224 -3.79 22.67 20.16
N ASP A 225 -4.28 23.81 19.64
CA ASP A 225 -4.66 23.91 18.24
C ASP A 225 -3.70 24.79 17.45
N VAL A 226 -2.52 25.04 18.00
CA VAL A 226 -1.47 25.81 17.33
C VAL A 226 -0.16 25.11 17.63
N PHE A 227 0.68 24.94 16.61
CA PHE A 227 2.05 24.51 16.82
C PHE A 227 2.97 25.71 16.58
N ALA A 228 3.89 25.95 17.53
CA ALA A 228 4.77 27.11 17.41
C ALA A 228 6.06 26.84 18.15
N ILE A 229 7.20 27.08 17.47
CA ILE A 229 8.51 27.00 18.09
C ILE A 229 9.36 28.15 17.57
N ARG A 230 10.27 28.63 18.42
CA ARG A 230 11.27 29.59 17.98
C ARG A 230 12.37 28.87 17.22
N VAL A 231 13.02 29.61 16.34
CA VAL A 231 14.09 29.10 15.50
C VAL A 231 15.34 29.94 15.74
N ASN A 232 16.47 29.26 15.86
CA ASN A 232 17.77 29.92 15.94
C ASN A 232 18.20 30.28 14.51
N VAL A 233 18.08 31.56 14.16
CA VAL A 233 18.38 32.00 12.80
C VAL A 233 19.81 32.51 12.69
N ASN A 234 20.65 32.23 13.69
CA ASN A 234 21.99 32.79 13.75
C ASN A 234 23.10 31.75 13.55
N THR A 235 22.80 30.66 12.83
CA THR A 235 23.82 29.63 12.67
C THR A 235 23.64 28.92 11.34
N PRO A 236 24.74 28.53 10.68
CA PRO A 236 24.62 27.62 9.52
C PRO A 236 24.46 26.16 9.93
N ALA A 237 24.69 25.82 11.19
CA ALA A 237 24.74 24.43 11.61
C ALA A 237 23.43 23.72 11.32
N ILE A 238 23.52 22.47 10.90
CA ILE A 238 22.35 21.60 10.74
C ILE A 238 22.37 20.44 11.70
N ARG A 239 23.34 20.42 12.60
CA ARG A 239 23.41 19.40 13.63
C ARG A 239 22.18 19.46 14.55
N TYR A 240 21.64 18.29 14.91
CA TYR A 240 20.41 18.26 15.68
C TYR A 240 20.63 18.67 17.13
N LYS A 241 19.74 19.49 17.64
CA LYS A 241 19.81 19.95 19.03
C LYS A 241 18.41 19.87 19.61
N ARG A 242 18.18 18.86 20.43
CA ARG A 242 16.84 18.64 20.95
C ARG A 242 16.45 19.70 21.98
N PHE A 243 17.43 20.32 22.63
CA PHE A 243 17.24 21.42 23.57
C PHE A 243 17.96 22.64 23.02
N GLN A 244 17.23 23.73 22.81
CA GLN A 244 17.85 24.95 22.33
C GLN A 244 17.57 26.16 23.22
N LYS A 245 16.71 26.03 24.23
CA LYS A 245 16.50 27.05 25.26
C LYS A 245 16.22 28.43 24.66
N LEU A 246 15.42 28.47 23.59
CA LEU A 246 15.08 29.74 22.94
C LEU A 246 13.87 30.42 23.57
N GLY A 247 13.12 29.72 24.40
CA GLY A 247 11.90 30.26 24.99
C GLY A 247 10.66 29.87 24.22
N GLU A 248 9.54 29.85 24.91
CA GLU A 248 8.30 29.49 24.27
C GLU A 248 7.74 30.66 23.47
N VAL A 249 6.81 30.33 22.58
CA VAL A 249 6.18 31.30 21.70
C VAL A 249 4.80 31.60 22.28
N LYS A 250 4.48 32.86 22.51
CA LYS A 250 3.16 33.13 23.04
C LYS A 250 2.36 33.70 21.87
N VAL A 251 1.21 33.08 21.65
CA VAL A 251 0.37 33.24 20.48
C VAL A 251 -0.83 34.07 20.90
N GLU A 252 -1.36 34.84 19.94
CA GLU A 252 -2.49 35.71 20.19
C GLU A 252 -3.76 34.93 20.36
N GLU A 253 -4.44 35.16 21.48
CA GLU A 253 -5.89 35.01 21.53
C GLU A 253 -6.36 33.67 20.97
#